data_8XPF
#
_entry.id   8XPF
#
_cell.length_a   121.363
_cell.length_b   61.010
_cell.length_c   56.346
_cell.angle_alpha   90.00
_cell.angle_beta   112.60
_cell.angle_gamma   90.00
#
_symmetry.space_group_name_H-M   'C 1 2 1'
#
loop_
_entity.id
_entity.type
_entity.pdbx_description
1 polymer '2OG-Fe(II) oxygenase'
2 polymer 'small peptide'
3 non-polymer '2-OXOGLUTARIC ACID'
4 non-polymer 'FE (III) ION'
5 water water
#
loop_
_entity_poly.entity_id
_entity_poly.type
_entity_poly.pdbx_seq_one_letter_code
_entity_poly.pdbx_strand_id
1 'polypeptide(L)'
;MDSKSIAAELATRGYALVPDFLTGDALTEAVAAIETYFPDPEADDSTADDVAALKHAVPFPFTSNALNRHPLDLRVISVV
EELLGTTDLRMTSSFIQAKYGTAYGESKDQRLHNDAWAASSLVHPRADGVYQRVYGILYLTDVTEDTAPTYVVDRAAHLG
VPLLTPEGTGAYSKEAYPELYERERPVVVSKGSLLLFVGDIVHRGSAYHGHLGRRLALFFNIHGAQARWTDKHLWSLRPA
HPDWGTFRDLMIELEPRQRHLLGFPPPGDDYWTEETIKHLSEMYPGIDVEPYLPARVASKLAAALEHHHHHH
;
A
2 'polypeptide(L)' WYGWASNDGEGVAII C
#
# COMPACT_ATOMS: atom_id res chain seq x y z
N MET A 1 6.69 -17.00 -5.03
CA MET A 1 7.33 -15.74 -5.39
C MET A 1 8.85 -15.83 -5.34
N ASP A 2 9.48 -15.35 -6.41
CA ASP A 2 10.94 -15.29 -6.54
C ASP A 2 11.31 -13.82 -6.33
N SER A 3 11.84 -13.51 -5.15
CA SER A 3 12.09 -12.11 -4.79
C SER A 3 13.02 -11.43 -5.79
N LYS A 4 14.12 -12.09 -6.15
CA LYS A 4 15.08 -11.46 -7.06
C LYS A 4 14.47 -11.26 -8.44
N SER A 5 13.65 -12.21 -8.89
CA SER A 5 13.01 -12.07 -10.19
C SER A 5 12.01 -10.92 -10.19
N ILE A 6 11.18 -10.84 -9.15
CA ILE A 6 10.20 -9.78 -9.07
C ILE A 6 10.89 -8.42 -8.96
N ALA A 7 11.94 -8.34 -8.13
CA ALA A 7 12.65 -7.06 -8.00
C ALA A 7 13.29 -6.64 -9.30
N ALA A 8 13.76 -7.60 -10.11
CA ALA A 8 14.33 -7.26 -11.41
C ALA A 8 13.25 -6.72 -12.35
N GLU A 9 12.05 -7.30 -12.34
CA GLU A 9 10.97 -6.77 -13.16
C GLU A 9 10.58 -5.37 -12.70
N LEU A 10 10.52 -5.14 -11.39
CA LEU A 10 10.23 -3.80 -10.90
C LEU A 10 11.29 -2.82 -11.39
N ALA A 11 12.56 -3.22 -11.36
CA ALA A 11 13.62 -2.29 -11.75
C ALA A 11 13.56 -1.97 -13.24
N THR A 12 13.21 -2.94 -14.08
CA THR A 12 13.23 -2.77 -15.52
C THR A 12 11.95 -2.17 -16.08
N ARG A 13 10.80 -2.64 -15.61
CA ARG A 13 9.51 -2.24 -16.16
C ARG A 13 8.71 -1.35 -15.21
N GLY A 14 9.09 -1.30 -13.94
CA GLY A 14 8.38 -0.51 -12.97
C GLY A 14 7.25 -1.22 -12.24
N TYR A 15 6.85 -2.41 -12.67
CA TYR A 15 5.72 -3.10 -12.05
C TYR A 15 5.85 -4.59 -12.29
N ALA A 16 5.19 -5.36 -11.43
CA ALA A 16 5.09 -6.80 -11.58
C ALA A 16 3.77 -7.24 -11.00
N LEU A 17 3.03 -8.07 -11.73
CA LEU A 17 1.78 -8.64 -11.25
C LEU A 17 2.05 -10.06 -10.74
N VAL A 18 1.69 -10.31 -9.48
CA VAL A 18 1.86 -11.63 -8.86
C VAL A 18 0.49 -12.30 -8.78
N PRO A 19 0.18 -13.25 -9.65
CA PRO A 19 -1.09 -13.96 -9.53
C PRO A 19 -1.09 -14.84 -8.31
N ASP A 20 -2.26 -15.01 -7.71
CA ASP A 20 -2.44 -16.00 -6.64
C ASP A 20 -1.54 -15.70 -5.44
N PHE A 21 -1.35 -14.41 -5.16
CA PHE A 21 -0.62 -14.03 -3.95
C PHE A 21 -1.33 -14.55 -2.71
N LEU A 22 -2.65 -14.46 -2.69
CA LEU A 22 -3.48 -15.15 -1.71
C LEU A 22 -4.28 -16.23 -2.43
N THR A 23 -4.37 -17.40 -1.80
CA THR A 23 -5.18 -18.51 -2.29
C THR A 23 -5.85 -19.16 -1.09
N GLY A 24 -6.78 -20.08 -1.38
CA GLY A 24 -7.37 -20.89 -0.34
C GLY A 24 -8.10 -20.07 0.72
N ASP A 25 -8.04 -20.55 1.96
CA ASP A 25 -8.74 -19.88 3.05
C ASP A 25 -8.23 -18.47 3.27
N ALA A 26 -6.94 -18.21 3.06
CA ALA A 26 -6.44 -16.86 3.23
C ALA A 26 -7.16 -15.88 2.31
N LEU A 27 -7.39 -16.28 1.05
CA LEU A 27 -8.13 -15.42 0.14
C LEU A 27 -9.57 -15.25 0.62
N THR A 28 -10.23 -16.36 0.94
CA THR A 28 -11.62 -16.29 1.39
C THR A 28 -11.77 -15.41 2.62
N GLU A 29 -10.83 -15.51 3.57
CA GLU A 29 -10.93 -14.71 4.78
C GLU A 29 -10.70 -13.24 4.50
N ALA A 30 -9.77 -12.93 3.58
CA ALA A 30 -9.51 -11.53 3.25
C ALA A 30 -10.72 -10.92 2.54
N VAL A 31 -11.35 -11.69 1.64
CA VAL A 31 -12.55 -11.19 0.96
C VAL A 31 -13.64 -10.92 1.97
N ALA A 32 -13.88 -11.87 2.87
CA ALA A 32 -14.92 -11.68 3.88
C ALA A 32 -14.63 -10.44 4.71
N ALA A 33 -13.36 -10.24 5.08
CA ALA A 33 -12.99 -9.12 5.93
C ALA A 33 -13.29 -7.79 5.24
N ILE A 34 -12.86 -7.63 3.99
CA ILE A 34 -13.11 -6.37 3.30
C ILE A 34 -14.60 -6.17 3.04
N GLU A 35 -15.35 -7.26 2.89
CA GLU A 35 -16.80 -7.13 2.70
C GLU A 35 -17.53 -6.67 3.95
N THR A 36 -16.95 -6.86 5.15
CA THR A 36 -17.54 -6.23 6.33
C THR A 36 -17.58 -4.71 6.18
N TYR A 37 -16.64 -4.14 5.44
CA TYR A 37 -16.62 -2.69 5.25
C TYR A 37 -17.40 -2.27 4.00
N PHE A 38 -17.29 -3.04 2.93
CA PHE A 38 -17.89 -2.69 1.66
C PHE A 38 -18.74 -3.86 1.18
N PRO A 39 -19.96 -3.99 1.69
CA PRO A 39 -20.80 -5.13 1.33
C PRO A 39 -21.24 -5.07 -0.13
N ASP A 40 -21.73 -6.20 -0.61
CA ASP A 40 -22.24 -6.31 -1.98
C ASP A 40 -23.43 -5.37 -2.13
N PRO A 41 -23.29 -4.29 -2.91
CA PRO A 41 -24.40 -3.32 -3.01
C PRO A 41 -25.65 -3.88 -3.65
N GLU A 42 -25.58 -5.05 -4.28
CA GLU A 42 -26.77 -5.70 -4.81
C GLU A 42 -27.76 -6.00 -3.68
N VAL A 51 -24.08 4.71 -0.06
CA VAL A 51 -22.82 4.28 -0.68
C VAL A 51 -21.81 5.44 -0.75
N ALA A 52 -22.30 6.66 -0.57
CA ALA A 52 -21.42 7.83 -0.63
C ALA A 52 -20.24 7.69 0.34
N ALA A 53 -20.54 7.46 1.62
CA ALA A 53 -19.47 7.26 2.60
C ALA A 53 -18.63 6.03 2.28
N LEU A 54 -19.23 5.02 1.63
CA LEU A 54 -18.49 3.81 1.30
C LEU A 54 -17.49 3.99 0.17
N LYS A 55 -17.46 5.15 -0.48
CA LYS A 55 -16.41 5.44 -1.45
C LYS A 55 -15.09 5.86 -0.81
N HIS A 56 -15.07 6.14 0.50
CA HIS A 56 -13.84 6.61 1.12
C HIS A 56 -12.94 5.45 1.53
N ALA A 57 -11.64 5.61 1.26
CA ALA A 57 -10.66 4.64 1.72
C ALA A 57 -10.65 4.62 3.25
N VAL A 58 -10.45 3.44 3.82
CA VAL A 58 -10.36 3.23 5.27
C VAL A 58 -8.92 2.86 5.61
N PRO A 59 -8.27 3.56 6.52
CA PRO A 59 -6.85 3.31 6.80
C PRO A 59 -6.61 2.16 7.77
N PHE A 60 -5.42 1.58 7.65
CA PHE A 60 -4.89 0.60 8.59
C PHE A 60 -4.77 1.25 9.98
N PRO A 61 -4.97 0.51 11.07
CA PRO A 61 -5.27 -0.92 11.15
C PRO A 61 -6.76 -1.22 11.00
N PHE A 62 -7.04 -2.38 10.43
CA PHE A 62 -8.40 -2.83 10.16
C PHE A 62 -8.92 -3.70 11.30
N THR A 63 -10.21 -3.99 11.24
CA THR A 63 -10.85 -4.81 12.27
C THR A 63 -10.57 -6.30 12.11
N SER A 64 -9.82 -6.70 11.09
CA SER A 64 -9.49 -8.09 10.89
C SER A 64 -8.02 -8.21 10.50
N ASN A 65 -7.34 -9.19 11.09
CA ASN A 65 -5.97 -9.47 10.70
C ASN A 65 -5.86 -10.22 9.38
N ALA A 66 -6.97 -10.74 8.85
CA ALA A 66 -7.00 -11.20 7.46
C ALA A 66 -6.80 -10.06 6.48
N LEU A 67 -6.79 -8.81 6.95
CA LEU A 67 -6.34 -7.68 6.15
C LEU A 67 -5.04 -7.08 6.67
N ASN A 68 -4.92 -6.93 8.00
CA ASN A 68 -3.75 -6.27 8.58
C ASN A 68 -2.45 -6.98 8.25
N ARG A 69 -2.45 -8.31 8.15
CA ARG A 69 -1.18 -8.99 8.03
C ARG A 69 -0.56 -8.86 6.64
N HIS A 70 -1.35 -8.54 5.63
CA HIS A 70 -0.86 -8.67 4.26
C HIS A 70 0.19 -7.64 3.82
N PRO A 71 0.07 -6.36 4.19
CA PRO A 71 1.15 -5.42 3.85
C PRO A 71 2.49 -5.82 4.43
N LEU A 72 2.49 -6.65 5.47
CA LEU A 72 3.71 -7.08 6.14
C LEU A 72 4.13 -8.49 5.75
N ASP A 73 3.52 -9.06 4.71
CA ASP A 73 3.83 -10.42 4.29
C ASP A 73 5.34 -10.55 4.05
N LEU A 74 5.92 -11.62 4.57
CA LEU A 74 7.37 -11.83 4.41
C LEU A 74 7.79 -11.82 2.94
N ARG A 75 6.92 -12.26 2.04
CA ARG A 75 7.28 -12.27 0.62
C ARG A 75 7.37 -10.87 0.06
N VAL A 76 6.49 -9.98 0.53
CA VAL A 76 6.56 -8.58 0.12
C VAL A 76 7.81 -7.93 0.66
N ILE A 77 8.09 -8.15 1.95
CA ILE A 77 9.30 -7.58 2.53
C ILE A 77 10.53 -8.02 1.75
N SER A 78 10.59 -9.30 1.39
N SER A 78 10.59 -9.31 1.38
CA SER A 78 11.76 -9.81 0.67
CA SER A 78 11.74 -9.83 0.67
C SER A 78 11.96 -9.09 -0.66
C SER A 78 11.95 -9.10 -0.65
N VAL A 79 10.86 -8.84 -1.39
CA VAL A 79 10.98 -8.10 -2.66
C VAL A 79 11.54 -6.71 -2.41
N VAL A 80 10.96 -5.99 -1.45
CA VAL A 80 11.36 -4.60 -1.24
C VAL A 80 12.81 -4.53 -0.79
N GLU A 81 13.22 -5.46 0.08
CA GLU A 81 14.62 -5.51 0.53
C GLU A 81 15.56 -5.69 -0.64
N GLU A 82 15.20 -6.56 -1.59
CA GLU A 82 16.05 -6.77 -2.76
C GLU A 82 16.10 -5.54 -3.65
N LEU A 83 14.96 -4.88 -3.87
CA LEU A 83 14.95 -3.73 -4.77
C LEU A 83 15.69 -2.54 -4.16
N LEU A 84 15.46 -2.25 -2.88
CA LEU A 84 16.05 -1.07 -2.25
C LEU A 84 17.46 -1.31 -1.75
N GLY A 85 17.85 -2.54 -1.49
CA GLY A 85 19.16 -2.81 -0.96
C GLY A 85 19.32 -2.53 0.50
N THR A 86 18.23 -2.56 1.27
CA THR A 86 18.28 -2.37 2.71
C THR A 86 17.17 -3.17 3.37
N THR A 87 17.40 -3.55 4.62
CA THR A 87 16.35 -4.13 5.45
C THR A 87 15.67 -3.12 6.34
N ASP A 88 16.13 -1.87 6.38
CA ASP A 88 15.56 -0.88 7.30
C ASP A 88 14.35 -0.23 6.63
N LEU A 89 13.24 -0.95 6.65
CA LEU A 89 12.04 -0.56 5.91
C LEU A 89 10.95 -0.09 6.87
N ARG A 90 10.04 0.72 6.33
CA ARG A 90 8.84 1.14 7.05
C ARG A 90 7.63 1.06 6.14
N MET A 91 6.48 0.71 6.73
CA MET A 91 5.20 0.80 6.03
C MET A 91 4.77 2.27 6.02
N THR A 92 4.70 2.85 4.82
CA THR A 92 4.34 4.25 4.63
C THR A 92 2.84 4.48 4.81
N SER A 93 2.03 3.54 4.34
CA SER A 93 0.59 3.71 4.27
C SER A 93 -0.03 2.34 4.02
N SER A 94 -1.25 2.17 4.52
CA SER A 94 -2.08 1.05 4.09
C SER A 94 -3.53 1.43 4.27
N PHE A 95 -4.37 1.02 3.31
CA PHE A 95 -5.79 1.33 3.39
C PHE A 95 -6.54 0.34 2.52
N ILE A 96 -7.84 0.27 2.73
CA ILE A 96 -8.71 -0.51 1.86
C ILE A 96 -9.66 0.46 1.17
N GLN A 97 -10.08 0.11 -0.04
CA GLN A 97 -11.00 0.98 -0.76
C GLN A 97 -11.84 0.17 -1.72
N ALA A 98 -13.09 0.58 -1.89
CA ALA A 98 -13.98 0.06 -2.91
C ALA A 98 -14.19 1.14 -3.96
N LYS A 99 -14.21 0.75 -5.22
CA LYS A 99 -14.53 1.66 -6.31
C LYS A 99 -15.80 1.16 -6.98
N TYR A 100 -16.86 1.96 -6.93
CA TYR A 100 -18.19 1.51 -7.30
C TYR A 100 -18.53 1.81 -8.76
N GLY A 101 -19.43 1.00 -9.31
CA GLY A 101 -19.90 1.17 -10.68
C GLY A 101 -20.77 2.39 -10.86
N THR A 102 -21.20 2.59 -12.13
CA THR A 102 -21.90 3.82 -12.51
C THR A 102 -23.28 3.94 -11.89
N ALA A 103 -23.90 2.84 -11.46
CA ALA A 103 -25.19 2.93 -10.78
C ALA A 103 -25.11 3.75 -9.50
N TYR A 104 -23.91 3.97 -8.97
CA TYR A 104 -23.74 4.65 -7.69
C TYR A 104 -23.12 6.04 -7.84
N GLY A 105 -23.15 6.61 -9.04
CA GLY A 105 -22.62 7.93 -9.28
C GLY A 105 -21.49 7.92 -10.30
N GLU A 106 -21.20 9.13 -10.78
CA GLU A 106 -20.19 9.29 -11.83
C GLU A 106 -18.80 8.86 -11.34
N SER A 107 -18.16 8.00 -12.11
CA SER A 107 -16.82 7.49 -11.84
C SER A 107 -15.86 8.09 -12.85
N LYS A 108 -14.75 8.64 -12.36
CA LYS A 108 -13.81 9.37 -13.22
C LYS A 108 -12.45 8.70 -13.20
N ASP A 109 -11.68 8.95 -14.26
CA ASP A 109 -10.30 8.49 -14.35
C ASP A 109 -9.39 9.51 -13.69
N GLN A 110 -8.40 9.01 -12.94
CA GLN A 110 -7.32 9.86 -12.44
C GLN A 110 -6.41 10.26 -13.60
N ARG A 111 -5.69 11.36 -13.41
CA ARG A 111 -4.58 11.66 -14.32
C ARG A 111 -3.41 10.72 -14.05
N LEU A 112 -2.65 10.42 -15.11
CA LEU A 112 -1.39 9.72 -14.92
C LEU A 112 -0.50 10.53 -13.99
N HIS A 113 0.24 9.84 -13.14
CA HIS A 113 1.06 10.50 -12.13
C HIS A 113 2.12 9.52 -11.64
N ASN A 114 3.09 10.05 -10.90
CA ASN A 114 3.99 9.22 -10.12
C ASN A 114 3.67 9.38 -8.64
N ASP A 115 4.07 8.38 -7.87
CA ASP A 115 3.94 8.44 -6.41
C ASP A 115 5.33 8.33 -5.82
N ALA A 116 6.25 9.13 -6.33
CA ALA A 116 7.64 9.07 -5.89
C ALA A 116 7.90 9.93 -4.69
N TRP A 117 6.94 10.78 -4.31
CA TRP A 117 7.12 11.85 -3.33
C TRP A 117 6.63 11.46 -1.94
N ALA A 118 7.31 11.98 -0.93
CA ALA A 118 6.72 12.02 0.40
C ALA A 118 5.57 13.03 0.43
N ALA A 119 4.70 12.88 1.42
CA ALA A 119 3.48 13.68 1.49
C ALA A 119 3.76 15.17 1.59
N SER A 120 4.82 15.55 2.31
CA SER A 120 5.16 16.95 2.51
C SER A 120 5.98 17.54 1.38
N SER A 121 6.40 16.72 0.41
CA SER A 121 7.30 17.18 -0.65
C SER A 121 8.57 17.84 -0.11
N LEU A 122 9.07 17.43 1.06
CA LEU A 122 10.10 18.23 1.72
C LEU A 122 11.36 18.34 0.86
N VAL A 123 11.79 17.23 0.28
CA VAL A 123 12.87 17.25 -0.70
C VAL A 123 12.47 16.41 -1.91
N HIS A 124 13.16 16.66 -3.01
CA HIS A 124 12.86 15.99 -4.25
C HIS A 124 13.18 14.51 -4.12
N PRO A 125 12.40 13.63 -4.74
CA PRO A 125 12.68 12.18 -4.66
C PRO A 125 13.95 11.80 -5.38
N ARG A 126 14.47 10.63 -5.00
CA ARG A 126 15.42 9.87 -5.79
C ARG A 126 14.79 8.53 -6.14
N ALA A 127 15.04 8.06 -7.36
CA ALA A 127 14.44 6.81 -7.82
C ALA A 127 15.42 5.64 -7.73
N ASP A 128 16.50 5.78 -6.98
CA ASP A 128 17.53 4.75 -6.91
C ASP A 128 17.71 4.25 -5.48
N GLY A 129 18.16 3.00 -5.39
CA GLY A 129 18.58 2.44 -4.12
C GLY A 129 17.55 2.60 -3.01
N VAL A 130 18.03 3.03 -1.85
CA VAL A 130 17.18 3.05 -0.68
C VAL A 130 16.09 4.11 -0.71
N TYR A 131 16.06 4.98 -1.73
CA TYR A 131 15.08 6.05 -1.84
C TYR A 131 13.87 5.65 -2.67
N GLN A 132 13.87 4.45 -3.23
CA GLN A 132 12.71 3.96 -3.96
C GLN A 132 11.55 3.66 -3.02
N ARG A 133 10.33 3.82 -3.55
CA ARG A 133 9.11 3.46 -2.83
C ARG A 133 8.45 2.30 -3.55
N VAL A 134 7.89 1.35 -2.80
CA VAL A 134 7.22 0.21 -3.42
C VAL A 134 5.76 0.20 -3.00
N TYR A 135 4.87 0.14 -3.97
CA TYR A 135 3.42 0.12 -3.77
C TYR A 135 2.87 -1.26 -4.06
N GLY A 136 1.86 -1.65 -3.32
CA GLY A 136 1.12 -2.87 -3.62
C GLY A 136 -0.36 -2.61 -3.68
N ILE A 137 -1.03 -3.30 -4.59
CA ILE A 137 -2.48 -3.36 -4.62
C ILE A 137 -2.86 -4.84 -4.66
N LEU A 138 -3.53 -5.30 -3.60
CA LEU A 138 -4.01 -6.67 -3.53
C LEU A 138 -5.48 -6.64 -3.92
N TYR A 139 -5.80 -7.20 -5.07
CA TYR A 139 -7.15 -7.14 -5.57
C TYR A 139 -7.96 -8.26 -4.95
N LEU A 140 -9.10 -7.90 -4.37
CA LEU A 140 -9.99 -8.84 -3.70
C LEU A 140 -11.29 -9.08 -4.47
N THR A 141 -11.37 -8.58 -5.69
CA THR A 141 -12.36 -8.95 -6.69
C THR A 141 -11.62 -9.18 -8.00
N ASP A 142 -12.24 -9.92 -8.91
CA ASP A 142 -11.68 -10.07 -10.25
C ASP A 142 -11.70 -8.72 -10.95
N VAL A 143 -10.57 -8.33 -11.55
CA VAL A 143 -10.44 -7.03 -12.20
C VAL A 143 -10.37 -7.24 -13.70
N THR A 144 -11.36 -6.71 -14.41
CA THR A 144 -11.42 -6.72 -15.87
C THR A 144 -11.31 -5.30 -16.38
N GLU A 145 -11.36 -5.15 -17.71
CA GLU A 145 -11.28 -3.80 -18.27
C GLU A 145 -12.49 -2.95 -17.91
N ASP A 146 -13.58 -3.55 -17.43
CA ASP A 146 -14.76 -2.80 -17.04
C ASP A 146 -14.92 -2.66 -15.52
N THR A 147 -13.94 -3.05 -14.74
CA THR A 147 -13.99 -2.90 -13.28
C THR A 147 -12.85 -2.05 -12.75
N ALA A 148 -12.52 -0.95 -13.44
CA ALA A 148 -11.57 0.05 -12.96
C ALA A 148 -10.16 -0.51 -12.78
N PRO A 149 -9.57 -1.06 -13.84
CA PRO A 149 -8.20 -1.55 -13.72
C PRO A 149 -7.21 -0.42 -13.49
N THR A 150 -6.13 -0.75 -12.78
CA THR A 150 -4.96 0.12 -12.73
C THR A 150 -4.33 0.21 -14.12
N TYR A 151 -3.92 1.41 -14.52
CA TYR A 151 -3.15 1.60 -15.75
C TYR A 151 -1.69 1.90 -15.40
N VAL A 152 -0.77 1.32 -16.17
CA VAL A 152 0.65 1.55 -15.97
C VAL A 152 1.30 1.94 -17.29
N VAL A 153 2.41 2.68 -17.20
CA VAL A 153 3.22 2.99 -18.37
C VAL A 153 4.61 2.38 -18.15
N ASP A 154 5.50 3.12 -17.49
CA ASP A 154 6.88 2.70 -17.23
C ASP A 154 7.44 3.68 -16.22
N ARG A 155 8.68 3.44 -15.80
CA ARG A 155 9.33 4.33 -14.85
C ARG A 155 9.54 5.69 -15.49
N ALA A 156 9.40 6.75 -14.69
CA ALA A 156 9.48 8.11 -15.22
C ALA A 156 10.81 8.35 -15.94
N ALA A 157 11.93 7.89 -15.37
CA ALA A 157 13.21 8.13 -16.02
C ALA A 157 13.27 7.44 -17.38
N HIS A 158 12.66 6.26 -17.50
CA HIS A 158 12.65 5.55 -18.77
C HIS A 158 11.88 6.30 -19.84
N LEU A 159 10.85 7.05 -19.43
CA LEU A 159 10.00 7.79 -20.34
C LEU A 159 10.53 9.20 -20.58
N GLY A 160 11.57 9.60 -19.87
CA GLY A 160 12.10 10.93 -20.01
C GLY A 160 11.20 12.02 -19.49
N VAL A 161 10.42 11.73 -18.45
CA VAL A 161 9.59 12.75 -17.83
C VAL A 161 10.07 13.00 -16.40
N PRO A 162 9.93 14.23 -15.92
CA PRO A 162 10.42 14.58 -14.59
C PRO A 162 9.48 14.08 -13.50
N LEU A 163 10.05 13.92 -12.30
CA LEU A 163 9.22 13.58 -11.15
C LEU A 163 8.44 14.79 -10.63
N LEU A 164 8.93 16.01 -10.89
CA LEU A 164 8.21 17.24 -10.61
C LEU A 164 7.91 17.91 -11.94
N THR A 165 6.63 18.04 -12.26
CA THR A 165 6.27 18.62 -13.54
C THR A 165 6.22 20.15 -13.43
N PRO A 166 6.23 20.84 -14.56
CA PRO A 166 6.09 22.31 -14.51
C PRO A 166 4.87 22.78 -13.73
N GLU A 167 3.79 21.99 -13.67
CA GLU A 167 2.62 22.40 -12.89
C GLU A 167 2.85 22.33 -11.40
N GLY A 168 3.97 21.77 -10.94
CA GLY A 168 4.27 21.72 -9.53
C GLY A 168 3.71 20.50 -8.81
N THR A 169 3.47 19.41 -9.53
CA THR A 169 2.98 18.18 -8.92
C THR A 169 3.75 17.00 -9.52
N GLY A 170 3.36 15.80 -9.12
CA GLY A 170 3.84 14.61 -9.79
C GLY A 170 2.84 14.05 -10.78
N ALA A 171 1.90 14.86 -11.25
CA ALA A 171 0.90 14.43 -12.23
C ALA A 171 1.17 15.01 -13.61
N TYR A 172 0.76 14.27 -14.64
CA TYR A 172 1.11 14.55 -16.04
C TYR A 172 -0.18 14.85 -16.80
N SER A 173 -0.36 16.10 -17.21
CA SER A 173 -1.56 16.46 -17.96
C SER A 173 -1.54 15.83 -19.34
N LYS A 174 -2.73 15.58 -19.89
CA LYS A 174 -2.84 15.08 -21.25
C LYS A 174 -2.29 16.06 -22.26
N GLU A 175 -2.43 17.37 -22.02
CA GLU A 175 -1.96 18.33 -23.00
C GLU A 175 -0.44 18.41 -23.02
N ALA A 176 0.20 18.28 -21.86
CA ALA A 176 1.65 18.40 -21.80
C ALA A 176 2.38 17.09 -22.04
N TYR A 177 1.76 15.94 -21.78
CA TYR A 177 2.43 14.64 -21.89
C TYR A 177 1.57 13.66 -22.69
N PRO A 178 1.25 14.00 -23.93
CA PRO A 178 0.38 13.10 -24.71
C PRO A 178 0.96 11.71 -24.92
N GLU A 179 2.28 11.56 -25.03
CA GLU A 179 2.83 10.24 -25.31
C GLU A 179 2.59 9.28 -24.15
N LEU A 180 2.51 9.79 -22.93
CA LEU A 180 2.25 8.92 -21.79
C LEU A 180 0.88 8.27 -21.93
N TYR A 181 -0.12 9.04 -22.33
CA TYR A 181 -1.48 8.51 -22.46
C TYR A 181 -1.61 7.57 -23.63
N GLU A 182 -0.79 7.73 -24.67
CA GLU A 182 -0.87 6.76 -25.75
C GLU A 182 -0.23 5.43 -25.39
N ARG A 183 0.72 5.42 -24.45
CA ARG A 183 1.45 4.21 -24.08
C ARG A 183 0.87 3.48 -22.87
N GLU A 184 -0.09 4.07 -22.16
CA GLU A 184 -0.60 3.40 -20.96
C GLU A 184 -1.37 2.13 -21.32
N ARG A 185 -1.35 1.16 -20.39
CA ARG A 185 -1.94 -0.16 -20.57
C ARG A 185 -2.63 -0.56 -19.27
N PRO A 186 -3.80 -1.19 -19.35
CA PRO A 186 -4.47 -1.64 -18.15
C PRO A 186 -3.89 -2.96 -17.64
N VAL A 187 -3.99 -3.13 -16.32
CA VAL A 187 -3.59 -4.36 -15.65
C VAL A 187 -4.87 -5.12 -15.29
N VAL A 188 -5.13 -6.25 -15.95
CA VAL A 188 -6.24 -7.10 -15.54
C VAL A 188 -5.69 -8.24 -14.70
N VAL A 189 -6.48 -8.70 -13.73
CA VAL A 189 -5.96 -9.57 -12.68
C VAL A 189 -7.12 -10.31 -12.04
N SER A 190 -6.87 -11.56 -11.65
CA SER A 190 -7.83 -12.31 -10.87
C SER A 190 -7.77 -11.90 -9.41
N LYS A 191 -8.87 -12.15 -8.69
CA LYS A 191 -8.88 -11.88 -7.27
C LYS A 191 -7.77 -12.67 -6.59
N GLY A 192 -7.16 -12.07 -5.57
CA GLY A 192 -6.01 -12.64 -4.93
C GLY A 192 -4.68 -12.32 -5.58
N SER A 193 -4.68 -11.64 -6.73
CA SER A 193 -3.43 -11.18 -7.34
C SER A 193 -2.93 -9.91 -6.65
N LEU A 194 -1.61 -9.73 -6.65
CA LEU A 194 -0.97 -8.56 -6.07
C LEU A 194 -0.20 -7.83 -7.17
N LEU A 195 -0.55 -6.56 -7.40
CA LEU A 195 0.25 -5.71 -8.27
C LEU A 195 1.26 -4.99 -7.40
N LEU A 196 2.54 -5.13 -7.72
CA LEU A 196 3.60 -4.36 -7.09
C LEU A 196 4.13 -3.37 -8.10
N PHE A 197 4.43 -2.15 -7.65
CA PHE A 197 5.02 -1.16 -8.54
C PHE A 197 5.90 -0.19 -7.78
N VAL A 198 6.84 0.40 -8.48
CA VAL A 198 7.70 1.40 -7.88
C VAL A 198 7.01 2.75 -7.95
N GLY A 199 7.27 3.58 -6.93
CA GLY A 199 6.57 4.85 -6.84
C GLY A 199 6.84 5.77 -8.01
N ASP A 200 8.01 5.63 -8.64
CA ASP A 200 8.34 6.48 -9.77
C ASP A 200 7.76 6.00 -11.08
N ILE A 201 7.00 4.91 -11.09
CA ILE A 201 6.26 4.52 -12.30
C ILE A 201 5.14 5.52 -12.57
N VAL A 202 4.91 5.78 -13.86
CA VAL A 202 3.77 6.58 -14.30
C VAL A 202 2.58 5.64 -14.41
N HIS A 203 1.49 5.99 -13.75
CA HIS A 203 0.36 5.08 -13.63
C HIS A 203 -0.87 5.90 -13.22
N ARG A 204 -2.03 5.23 -13.20
CA ARG A 204 -3.23 5.88 -12.71
C ARG A 204 -4.27 4.82 -12.38
N GLY A 205 -5.22 5.20 -11.52
CA GLY A 205 -6.49 4.51 -11.47
C GLY A 205 -7.39 4.92 -12.62
N SER A 206 -8.45 4.15 -12.82
CA SER A 206 -9.34 4.39 -13.94
C SER A 206 -10.79 4.32 -13.50
N ALA A 207 -11.67 4.80 -14.40
CA ALA A 207 -13.10 4.77 -14.14
C ALA A 207 -13.61 3.34 -14.18
N TYR A 208 -14.55 3.03 -13.30
CA TYR A 208 -15.25 1.75 -13.33
C TYR A 208 -16.35 1.84 -14.38
N HIS A 209 -16.18 1.12 -15.51
CA HIS A 209 -17.13 1.26 -16.61
C HIS A 209 -18.46 0.57 -16.29
N GLY A 210 -18.41 -0.55 -15.58
CA GLY A 210 -19.61 -1.31 -15.33
C GLY A 210 -20.62 -0.55 -14.48
N HIS A 211 -21.86 -0.97 -14.62
CA HIS A 211 -22.98 -0.31 -13.97
C HIS A 211 -23.12 -0.74 -12.52
N LEU A 212 -23.05 -2.05 -12.26
CA LEU A 212 -23.22 -2.60 -10.93
C LEU A 212 -21.89 -3.12 -10.40
N GLY A 213 -21.87 -3.40 -9.10
CA GLY A 213 -20.69 -3.97 -8.48
C GLY A 213 -19.69 -2.94 -8.04
N ARG A 214 -18.61 -3.44 -7.45
CA ARG A 214 -17.52 -2.58 -7.01
C ARG A 214 -16.23 -3.37 -7.05
N ARG A 215 -15.12 -2.66 -7.27
CA ARG A 215 -13.80 -3.26 -7.13
C ARG A 215 -13.37 -3.14 -5.68
N LEU A 216 -12.84 -4.24 -5.12
CA LEU A 216 -12.33 -4.26 -3.75
C LEU A 216 -10.82 -4.45 -3.77
N ALA A 217 -10.11 -3.63 -2.98
CA ALA A 217 -8.67 -3.77 -2.97
C ALA A 217 -8.08 -3.31 -1.66
N LEU A 218 -6.97 -3.92 -1.30
CA LEU A 218 -6.13 -3.52 -0.19
C LEU A 218 -4.86 -2.89 -0.75
N PHE A 219 -4.53 -1.69 -0.27
CA PHE A 219 -3.41 -0.93 -0.78
C PHE A 219 -2.37 -0.79 0.32
N PHE A 220 -1.10 -0.73 -0.06
CA PHE A 220 -0.05 -0.41 0.91
C PHE A 220 1.16 0.12 0.16
N ASN A 221 2.04 0.81 0.88
CA ASN A 221 3.31 1.19 0.30
C ASN A 221 4.37 1.23 1.39
N ILE A 222 5.61 1.02 0.97
CA ILE A 222 6.75 0.81 1.85
C ILE A 222 7.89 1.67 1.36
N HIS A 223 8.68 2.18 2.30
CA HIS A 223 9.85 2.99 1.97
C HIS A 223 11.02 2.58 2.87
N GLY A 224 12.21 3.05 2.53
CA GLY A 224 13.39 2.86 3.36
C GLY A 224 13.54 3.99 4.36
N ALA A 225 13.90 3.62 5.61
CA ALA A 225 14.02 4.59 6.68
C ALA A 225 15.09 5.64 6.40
N GLN A 226 16.04 5.33 5.52
CA GLN A 226 17.03 6.34 5.12
C GLN A 226 16.36 7.58 4.53
N ALA A 227 15.20 7.43 3.88
CA ALA A 227 14.45 8.57 3.36
C ALA A 227 13.67 9.21 4.51
N ARG A 228 14.42 9.84 5.41
CA ARG A 228 13.96 10.16 6.76
C ARG A 228 12.90 11.25 6.79
N TRP A 229 12.73 11.98 5.70
CA TRP A 229 11.68 12.99 5.65
C TRP A 229 10.32 12.37 5.34
N THR A 230 10.29 11.09 5.02
CA THR A 230 9.04 10.39 4.73
C THR A 230 8.42 9.92 6.03
N ASP A 231 7.10 10.00 6.11
CA ASP A 231 6.34 9.56 7.26
C ASP A 231 5.98 8.09 7.14
N LYS A 232 6.08 7.36 8.24
CA LYS A 232 5.45 6.05 8.25
C LYS A 232 3.94 6.23 8.49
N HIS A 233 3.19 5.15 8.33
CA HIS A 233 1.74 5.27 8.39
C HIS A 233 1.31 5.75 9.78
N LEU A 234 0.43 6.75 9.81
CA LEU A 234 -0.05 7.35 11.06
C LEU A 234 -1.42 6.78 11.42
N TRP A 235 -1.56 6.30 12.65
CA TRP A 235 -2.86 5.93 13.20
C TRP A 235 -2.85 6.16 14.71
N SER A 236 -4.05 6.23 15.27
CA SER A 236 -4.23 6.45 16.70
C SER A 236 -4.94 5.25 17.30
N LEU A 237 -4.34 4.67 18.36
CA LEU A 237 -4.95 3.55 19.04
C LEU A 237 -4.38 3.46 20.44
N ARG A 238 -5.19 3.01 21.37
CA ARG A 238 -4.81 2.80 22.77
C ARG A 238 -5.45 1.50 23.22
N PRO A 239 -4.90 0.87 24.27
CA PRO A 239 -5.49 -0.40 24.73
C PRO A 239 -6.97 -0.32 25.08
N ALA A 240 -7.49 0.83 25.50
CA ALA A 240 -8.92 0.97 25.77
C ALA A 240 -9.79 0.84 24.53
N HIS A 241 -9.23 1.02 23.35
CA HIS A 241 -10.05 1.14 22.15
C HIS A 241 -10.62 -0.23 21.76
N PRO A 242 -11.85 -0.28 21.25
CA PRO A 242 -12.42 -1.59 20.84
C PRO A 242 -11.59 -2.32 19.79
N ASP A 243 -10.84 -1.61 18.94
CA ASP A 243 -10.00 -2.24 17.92
C ASP A 243 -8.63 -2.68 18.44
N TRP A 244 -8.33 -2.44 19.73
CA TRP A 244 -6.99 -2.78 20.22
C TRP A 244 -6.75 -4.27 20.21
N GLY A 245 -7.75 -5.07 20.62
CA GLY A 245 -7.56 -6.51 20.68
C GLY A 245 -7.03 -7.08 19.36
N THR A 246 -7.62 -6.65 18.25
CA THR A 246 -7.15 -7.13 16.95
C THR A 246 -5.70 -6.74 16.71
N PHE A 247 -5.35 -5.49 17.01
CA PHE A 247 -3.98 -5.03 16.81
C PHE A 247 -3.01 -5.74 17.75
N ARG A 248 -3.41 -5.90 19.01
CA ARG A 248 -2.60 -6.64 19.96
C ARG A 248 -2.31 -8.04 19.45
N ASP A 249 -3.34 -8.72 18.94
CA ASP A 249 -3.16 -10.06 18.39
C ASP A 249 -2.25 -10.05 17.16
N LEU A 250 -2.36 -9.01 16.34
CA LEU A 250 -1.45 -8.87 15.21
C LEU A 250 -0.01 -8.81 15.67
N MET A 251 0.26 -7.98 16.68
CA MET A 251 1.64 -7.81 17.14
C MET A 251 2.21 -9.11 17.68
N ILE A 252 1.38 -9.90 18.37
CA ILE A 252 1.83 -11.19 18.89
C ILE A 252 2.16 -12.15 17.75
N GLU A 253 1.37 -12.12 16.66
CA GLU A 253 1.57 -13.04 15.55
C GLU A 253 2.79 -12.68 14.70
N LEU A 254 3.09 -11.39 14.56
CA LEU A 254 4.16 -10.97 13.65
C LEU A 254 5.52 -11.41 14.15
N GLU A 255 6.44 -11.64 13.21
CA GLU A 255 7.82 -11.89 13.55
C GLU A 255 8.57 -10.57 13.68
N PRO A 256 9.73 -10.56 14.34
CA PRO A 256 10.49 -9.31 14.46
C PRO A 256 10.71 -8.58 13.14
N ARG A 257 11.03 -9.30 12.05
CA ARG A 257 11.27 -8.65 10.77
C ARG A 257 10.05 -7.88 10.28
N GLN A 258 8.85 -8.33 10.66
CA GLN A 258 7.63 -7.66 10.25
C GLN A 258 7.31 -6.46 11.15
N ARG A 259 7.47 -6.63 12.47
CA ARG A 259 7.21 -5.50 13.36
C ARG A 259 8.12 -4.32 13.04
N HIS A 260 9.31 -4.60 12.52
CA HIS A 260 10.26 -3.54 12.19
C HIS A 260 9.63 -2.49 11.27
N LEU A 261 8.74 -2.92 10.38
CA LEU A 261 8.14 -1.98 9.43
C LEU A 261 7.18 -1.01 10.09
N LEU A 262 6.75 -1.29 11.32
CA LEU A 262 5.91 -0.39 12.08
C LEU A 262 6.72 0.55 12.98
N GLY A 263 8.06 0.50 12.89
CA GLY A 263 8.88 1.31 13.77
C GLY A 263 9.15 0.66 15.11
N PHE A 264 8.91 -0.63 15.23
CA PHE A 264 9.17 -1.31 16.48
C PHE A 264 10.66 -1.28 16.77
N PRO A 265 11.08 -1.05 18.02
CA PRO A 265 12.53 -1.02 18.31
C PRO A 265 13.16 -2.37 18.05
N PRO A 266 14.25 -2.42 17.29
CA PRO A 266 14.80 -3.72 16.88
C PRO A 266 15.59 -4.37 18.00
N PRO A 267 15.90 -5.65 17.85
CA PRO A 267 16.81 -6.30 18.81
C PRO A 267 18.08 -5.48 18.96
N GLY A 268 18.53 -5.34 20.20
CA GLY A 268 19.71 -4.55 20.52
C GLY A 268 19.48 -3.07 20.68
N ASP A 269 18.28 -2.58 20.39
CA ASP A 269 18.00 -1.16 20.52
C ASP A 269 18.11 -0.75 21.99
N ASP A 270 18.60 0.48 22.21
CA ASP A 270 18.73 1.00 23.57
C ASP A 270 17.39 1.06 24.31
N TYR A 271 16.27 1.02 23.59
CA TYR A 271 14.97 1.07 24.26
C TYR A 271 14.78 -0.11 25.20
N TRP A 272 15.36 -1.27 24.88
CA TRP A 272 15.09 -2.50 25.62
C TRP A 272 15.84 -2.54 26.94
N THR A 273 15.07 -2.66 28.03
CA THR A 273 15.59 -2.84 29.37
C THR A 273 14.69 -3.85 30.07
N GLU A 274 15.08 -4.25 31.29
CA GLU A 274 14.19 -5.12 32.05
C GLU A 274 12.79 -4.53 32.18
N GLU A 275 12.71 -3.21 32.41
CA GLU A 275 11.41 -2.59 32.57
C GLU A 275 10.61 -2.57 31.27
N THR A 276 11.24 -2.25 30.14
CA THR A 276 10.44 -2.21 28.92
C THR A 276 10.12 -3.60 28.39
N ILE A 277 10.93 -4.61 28.69
CA ILE A 277 10.52 -5.97 28.35
C ILE A 277 9.28 -6.34 29.15
N LYS A 278 9.27 -6.01 30.44
CA LYS A 278 8.10 -6.25 31.28
C LYS A 278 6.87 -5.54 30.71
N HIS A 279 7.01 -4.26 30.36
CA HIS A 279 5.85 -3.55 29.84
C HIS A 279 5.39 -4.12 28.51
N LEU A 280 6.32 -4.65 27.70
CA LEU A 280 5.91 -5.25 26.44
C LEU A 280 5.04 -6.48 26.70
N SER A 281 5.47 -7.34 27.63
CA SER A 281 4.69 -8.53 27.97
C SER A 281 3.33 -8.16 28.53
N GLU A 282 3.24 -7.06 29.27
CA GLU A 282 1.96 -6.64 29.84
C GLU A 282 0.99 -6.20 28.76
N MET A 283 1.47 -5.42 27.79
CA MET A 283 0.60 -4.91 26.74
C MET A 283 0.25 -5.97 25.71
N TYR A 284 1.13 -6.94 25.49
CA TYR A 284 0.93 -7.95 24.45
C TYR A 284 1.12 -9.34 25.07
N PRO A 285 0.18 -9.76 25.92
CA PRO A 285 0.37 -11.02 26.66
C PRO A 285 0.50 -12.20 25.70
N GLY A 286 1.59 -12.96 25.86
CA GLY A 286 1.91 -14.03 24.95
C GLY A 286 2.98 -13.70 23.92
N ILE A 287 3.37 -12.43 23.78
CA ILE A 287 4.40 -12.08 22.81
C ILE A 287 5.73 -12.75 23.16
N ASP A 288 6.48 -13.12 22.12
CA ASP A 288 7.80 -13.73 22.32
C ASP A 288 8.82 -12.61 22.51
N VAL A 289 9.37 -12.48 23.72
CA VAL A 289 10.32 -11.42 23.99
C VAL A 289 11.76 -11.82 23.77
N GLU A 290 12.03 -13.11 23.56
CA GLU A 290 13.41 -13.59 23.45
C GLU A 290 14.26 -12.82 22.45
N PRO A 291 13.77 -12.46 21.26
CA PRO A 291 14.63 -11.71 20.33
C PRO A 291 15.08 -10.36 20.88
N TYR A 292 14.38 -9.81 21.87
CA TYR A 292 14.64 -8.45 22.34
C TYR A 292 15.32 -8.39 23.71
N LEU A 293 15.47 -9.52 24.39
CA LEU A 293 16.07 -9.51 25.71
C LEU A 293 17.47 -8.93 25.65
N PRO A 294 17.78 -7.91 26.47
CA PRO A 294 19.12 -7.31 26.50
C PRO A 294 20.20 -8.34 26.82
N TRP B 1 -9.34 13.62 -2.28
CA TRP B 1 -10.76 13.22 -2.02
C TRP B 1 -10.84 11.71 -1.78
N TYR B 2 -11.97 11.23 -1.25
CA TYR B 2 -12.24 9.80 -1.00
C TYR B 2 -11.18 9.16 -0.10
N GLY B 3 -10.57 9.95 0.77
CA GLY B 3 -9.56 9.43 1.71
C GLY B 3 -9.98 9.63 3.16
N TRP B 4 -9.01 9.88 4.03
CA TRP B 4 -9.27 10.00 5.49
C TRP B 4 -8.43 11.10 6.13
N ALA B 5 -7.53 11.75 5.41
CA ALA B 5 -6.59 12.72 6.01
C ALA B 5 -6.26 13.88 5.08
N SER B 6 -5.99 15.04 5.65
CA SER B 6 -5.58 16.22 4.87
C SER B 6 -6.71 16.60 3.91
N ASN B 7 -6.41 17.02 2.71
CA ASN B 7 -7.42 17.45 1.72
C ASN B 7 -6.84 17.30 0.32
N ASP B 8 -7.68 16.93 -0.63
CA ASP B 8 -7.23 16.73 -2.02
C ASP B 8 -7.79 17.88 -2.86
N GLY B 9 -8.32 18.92 -2.22
CA GLY B 9 -8.95 20.03 -2.94
C GLY B 9 -10.47 19.89 -2.95
N GLU B 10 -11.00 18.78 -2.44
CA GLU B 10 -12.47 18.56 -2.34
C GLU B 10 -12.77 18.20 -0.89
N GLY B 11 -12.37 17.03 -0.43
CA GLY B 11 -12.50 16.60 0.94
C GLY B 11 -11.25 15.91 1.44
N VAL B 12 -11.39 15.00 2.41
CA VAL B 12 -10.23 14.32 2.97
C VAL B 12 -9.60 13.41 1.92
N ALA B 13 -8.29 13.22 2.03
CA ALA B 13 -7.53 12.59 0.97
C ALA B 13 -6.82 11.33 1.44
N ILE B 14 -6.40 10.52 0.47
CA ILE B 14 -5.54 9.38 0.73
C ILE B 14 -4.12 9.89 0.98
N ILE B 15 -3.47 9.32 1.99
CA ILE B 15 -2.10 9.68 2.36
C ILE B 15 -1.36 8.39 2.69
#